data_159D
# 
_entry.id   159D 
# 
_audit_conform.dict_name       mmcif_pdbx.dic 
_audit_conform.dict_version    5.385 
_audit_conform.dict_location   http://mmcif.pdb.org/dictionaries/ascii/mmcif_pdbx.dic 
# 
loop_
_database_2.database_id 
_database_2.database_code 
_database_2.pdbx_database_accession 
_database_2.pdbx_DOI 
PDB   159D         pdb_0000159d 10.2210/pdb159d/pdb 
RCSB  GDHB25       ?            ?                   
WWPDB D_1000170135 ?            ?                   
# 
loop_
_pdbx_audit_revision_history.ordinal 
_pdbx_audit_revision_history.data_content_type 
_pdbx_audit_revision_history.major_revision 
_pdbx_audit_revision_history.minor_revision 
_pdbx_audit_revision_history.revision_date 
1 'Structure model' 1 0 1995-02-07 
2 'Structure model' 1 1 2008-05-22 
3 'Structure model' 1 2 2011-07-13 
4 'Structure model' 1 3 2024-02-07 
# 
_pdbx_audit_revision_details.ordinal             1 
_pdbx_audit_revision_details.revision_ordinal    1 
_pdbx_audit_revision_details.data_content_type   'Structure model' 
_pdbx_audit_revision_details.provider            repository 
_pdbx_audit_revision_details.type                'Initial release' 
_pdbx_audit_revision_details.description         ? 
_pdbx_audit_revision_details.details             ? 
# 
loop_
_pdbx_audit_revision_group.ordinal 
_pdbx_audit_revision_group.revision_ordinal 
_pdbx_audit_revision_group.data_content_type 
_pdbx_audit_revision_group.group 
1 2 'Structure model' 'Version format compliance' 
2 3 'Structure model' 'Version format compliance' 
3 4 'Structure model' 'Data collection'           
4 4 'Structure model' 'Database references'       
5 4 'Structure model' 'Derived calculations'      
# 
loop_
_pdbx_audit_revision_category.ordinal 
_pdbx_audit_revision_category.revision_ordinal 
_pdbx_audit_revision_category.data_content_type 
_pdbx_audit_revision_category.category 
1 4 'Structure model' chem_comp_atom         
2 4 'Structure model' chem_comp_bond         
3 4 'Structure model' database_2             
4 4 'Structure model' pdbx_struct_conn_angle 
5 4 'Structure model' struct_conn            
6 4 'Structure model' struct_site            
# 
loop_
_pdbx_audit_revision_item.ordinal 
_pdbx_audit_revision_item.revision_ordinal 
_pdbx_audit_revision_item.data_content_type 
_pdbx_audit_revision_item.item 
1  4 'Structure model' '_database_2.pdbx_DOI'                      
2  4 'Structure model' '_database_2.pdbx_database_accession'       
3  4 'Structure model' '_pdbx_struct_conn_angle.ptnr1_auth_seq_id' 
4  4 'Structure model' '_pdbx_struct_conn_angle.ptnr3_auth_seq_id' 
5  4 'Structure model' '_pdbx_struct_conn_angle.value'             
6  4 'Structure model' '_struct_conn.pdbx_dist_value'              
7  4 'Structure model' '_struct_conn.ptnr2_auth_seq_id'            
8  4 'Structure model' '_struct_site.pdbx_auth_asym_id'            
9  4 'Structure model' '_struct_site.pdbx_auth_comp_id'            
10 4 'Structure model' '_struct_site.pdbx_auth_seq_id'             
# 
_pdbx_database_status.status_code                     REL 
_pdbx_database_status.entry_id                        159D 
_pdbx_database_status.recvd_initial_deposition_date   1994-02-10 
_pdbx_database_status.deposit_site                    BNL 
_pdbx_database_status.process_site                    NDB 
_pdbx_database_status.status_code_sf                  REL 
_pdbx_database_status.status_code_mr                  ? 
_pdbx_database_status.SG_entry                        ? 
_pdbx_database_status.pdb_format_compatible           Y 
_pdbx_database_status.status_code_cs                  ? 
_pdbx_database_status.status_code_nmr_data            ? 
_pdbx_database_status.methods_development_category    ? 
# 
loop_
_audit_author.name 
_audit_author.pdbx_ordinal 
'Chen, X.'          1 
'Ramakrishnan, B.'  2 
'Rao, S.T.'         3 
'Sundaralingam, M.' 4 
# 
_citation.id                        primary 
_citation.title                     'Binding of two distamycin A molecules in the minor groove of an alternating B-DNA duplex.' 
_citation.journal_abbrev            Nat.Struct.Biol. 
_citation.journal_volume            1 
_citation.page_first                169 
_citation.page_last                 175 
_citation.year                      1994 
_citation.journal_id_ASTM           NSBIEW 
_citation.country                   US 
_citation.journal_id_ISSN           1072-8368 
_citation.journal_id_CSD            2024 
_citation.book_publisher            ? 
_citation.pdbx_database_id_PubMed   7656035 
_citation.pdbx_database_id_DOI      10.1038/nsb0394-169 
# 
loop_
_citation_author.citation_id 
_citation_author.name 
_citation_author.ordinal 
_citation_author.identifier_ORCID 
primary 'Chen, X.'          1 ? 
primary 'Ramakrishnan, B.'  2 ? 
primary 'Rao, S.T.'         3 ? 
primary 'Sundaralingam, M.' 4 ? 
# 
loop_
_entity.id 
_entity.type 
_entity.src_method 
_entity.pdbx_description 
_entity.formula_weight 
_entity.pdbx_number_of_molecules 
_entity.pdbx_ec 
_entity.pdbx_mutation 
_entity.pdbx_fragment 
_entity.details 
1 polymer     syn 
;DNA (5'-D(*IP*CP*IP*CP*IP*CP*IP*C)-3')
;
2368.537 1  ? ? ? ? 
2 non-polymer syn 'DISTAMYCIN A'                           481.508  1  ? ? ? ? 
3 non-polymer syn 'MAGNESIUM ION'                          24.305   1  ? ? ? ? 
4 water       nat water                                    18.015   65 ? ? ? ? 
# 
_entity_poly.entity_id                      1 
_entity_poly.type                           polydeoxyribonucleotide 
_entity_poly.nstd_linkage                   no 
_entity_poly.nstd_monomer                   no 
_entity_poly.pdbx_seq_one_letter_code       '(DI)(DC)(DI)(DC)(DI)(DC)(DI)(DC)' 
_entity_poly.pdbx_seq_one_letter_code_can   ICICICIC 
_entity_poly.pdbx_strand_id                 A 
_entity_poly.pdbx_target_identifier         ? 
# 
loop_
_pdbx_entity_nonpoly.entity_id 
_pdbx_entity_nonpoly.name 
_pdbx_entity_nonpoly.comp_id 
2 'DISTAMYCIN A'  DMY 
3 'MAGNESIUM ION' MG  
4 water           HOH 
# 
loop_
_entity_poly_seq.entity_id 
_entity_poly_seq.num 
_entity_poly_seq.mon_id 
_entity_poly_seq.hetero 
1 1 DI n 
1 2 DC n 
1 3 DI n 
1 4 DC n 
1 5 DI n 
1 6 DC n 
1 7 DI n 
1 8 DC n 
# 
loop_
_chem_comp.id 
_chem_comp.type 
_chem_comp.mon_nstd_flag 
_chem_comp.name 
_chem_comp.pdbx_synonyms 
_chem_comp.formula 
_chem_comp.formula_weight 
DC  'DNA linking' y "2'-DEOXYCYTIDINE-5'-MONOPHOSPHATE" ?                         'C9 H14 N3 O7 P'  307.197 
DI  'DNA linking' y "2'-DEOXYINOSINE-5'-MONOPHOSPHATE"  ?                         'C10 H13 N4 O7 P' 332.207 
DMY non-polymer   . 'DISTAMYCIN A'                      'DISTAMYCIN; STALLIMYCIN' 'C22 H27 N9 O4'   481.508 
HOH non-polymer   . WATER                               ?                         'H2 O'            18.015  
MG  non-polymer   . 'MAGNESIUM ION'                     ?                         'Mg 2'            24.305  
# 
loop_
_pdbx_poly_seq_scheme.asym_id 
_pdbx_poly_seq_scheme.entity_id 
_pdbx_poly_seq_scheme.seq_id 
_pdbx_poly_seq_scheme.mon_id 
_pdbx_poly_seq_scheme.ndb_seq_num 
_pdbx_poly_seq_scheme.pdb_seq_num 
_pdbx_poly_seq_scheme.auth_seq_num 
_pdbx_poly_seq_scheme.pdb_mon_id 
_pdbx_poly_seq_scheme.auth_mon_id 
_pdbx_poly_seq_scheme.pdb_strand_id 
_pdbx_poly_seq_scheme.pdb_ins_code 
_pdbx_poly_seq_scheme.hetero 
A 1 1 DI 1 1 1 DI I A . n 
A 1 2 DC 2 2 2 DC C A . n 
A 1 3 DI 3 3 3 DI I A . n 
A 1 4 DC 4 4 4 DC C A . n 
A 1 5 DI 5 5 5 DI I A . n 
A 1 6 DC 6 6 6 DC C A . n 
A 1 7 DI 7 7 7 DI I A . n 
A 1 8 DC 8 8 8 DC C A . n 
# 
loop_
_pdbx_nonpoly_scheme.asym_id 
_pdbx_nonpoly_scheme.entity_id 
_pdbx_nonpoly_scheme.mon_id 
_pdbx_nonpoly_scheme.ndb_seq_num 
_pdbx_nonpoly_scheme.pdb_seq_num 
_pdbx_nonpoly_scheme.auth_seq_num 
_pdbx_nonpoly_scheme.pdb_mon_id 
_pdbx_nonpoly_scheme.auth_mon_id 
_pdbx_nonpoly_scheme.pdb_strand_id 
_pdbx_nonpoly_scheme.pdb_ins_code 
B 2 DMY 1  9  9  DMY DMY A . 
C 3 MG  1  10 10 MG  MG  A . 
D 4 HOH 1  11 11 HOH HOH A . 
D 4 HOH 2  12 12 HOH HOH A . 
D 4 HOH 3  13 13 HOH HOH A . 
D 4 HOH 4  14 14 HOH HOH A . 
D 4 HOH 5  15 15 HOH HOH A . 
D 4 HOH 6  16 16 HOH HOH A . 
D 4 HOH 7  17 17 HOH HOH A . 
D 4 HOH 8  18 18 HOH HOH A . 
D 4 HOH 9  19 19 HOH HOH A . 
D 4 HOH 10 20 20 HOH HOH A . 
D 4 HOH 11 21 21 HOH HOH A . 
D 4 HOH 12 22 22 HOH HOH A . 
D 4 HOH 13 23 23 HOH HOH A . 
D 4 HOH 14 24 24 HOH HOH A . 
D 4 HOH 15 25 25 HOH HOH A . 
D 4 HOH 16 26 26 HOH HOH A . 
D 4 HOH 17 27 27 HOH HOH A . 
D 4 HOH 18 28 28 HOH HOH A . 
D 4 HOH 19 29 29 HOH HOH A . 
D 4 HOH 20 30 30 HOH HOH A . 
D 4 HOH 21 31 31 HOH HOH A . 
D 4 HOH 22 32 32 HOH HOH A . 
D 4 HOH 23 33 33 HOH HOH A . 
D 4 HOH 24 34 34 HOH HOH A . 
D 4 HOH 25 35 35 HOH HOH A . 
D 4 HOH 26 36 36 HOH HOH A . 
D 4 HOH 27 37 37 HOH HOH A . 
D 4 HOH 28 38 38 HOH HOH A . 
D 4 HOH 29 39 39 HOH HOH A . 
D 4 HOH 30 40 40 HOH HOH A . 
D 4 HOH 31 41 41 HOH HOH A . 
D 4 HOH 32 42 42 HOH HOH A . 
D 4 HOH 33 43 43 HOH HOH A . 
D 4 HOH 34 44 44 HOH HOH A . 
D 4 HOH 35 45 45 HOH HOH A . 
D 4 HOH 36 46 46 HOH HOH A . 
D 4 HOH 37 47 47 HOH HOH A . 
D 4 HOH 38 48 48 HOH HOH A . 
D 4 HOH 39 49 49 HOH HOH A . 
D 4 HOH 40 50 50 HOH HOH A . 
D 4 HOH 41 51 51 HOH HOH A . 
D 4 HOH 42 52 52 HOH HOH A . 
D 4 HOH 43 53 53 HOH HOH A . 
D 4 HOH 44 54 54 HOH HOH A . 
D 4 HOH 45 55 55 HOH HOH A . 
D 4 HOH 46 56 56 HOH HOH A . 
D 4 HOH 47 57 57 HOH HOH A . 
D 4 HOH 48 58 58 HOH HOH A . 
D 4 HOH 49 59 59 HOH HOH A . 
D 4 HOH 50 60 60 HOH HOH A . 
D 4 HOH 51 61 61 HOH HOH A . 
D 4 HOH 52 62 62 HOH HOH A . 
D 4 HOH 53 63 63 HOH HOH A . 
D 4 HOH 54 64 64 HOH HOH A . 
D 4 HOH 55 65 65 HOH HOH A . 
D 4 HOH 56 66 66 HOH HOH A . 
D 4 HOH 57 67 67 HOH HOH A . 
D 4 HOH 58 68 68 HOH HOH A . 
D 4 HOH 59 69 69 HOH HOH A . 
D 4 HOH 60 70 70 HOH HOH A . 
D 4 HOH 61 71 71 HOH HOH A . 
D 4 HOH 62 72 72 HOH HOH A . 
D 4 HOH 63 73 73 HOH HOH A . 
D 4 HOH 64 74 74 HOH HOH A . 
D 4 HOH 65 75 75 HOH HOH A . 
# 
_software.name             X-PLOR 
_software.classification   refinement 
_software.version          . 
_software.citation_id      ? 
_software.pdbx_ordinal     1 
# 
_cell.entry_id           159D 
_cell.length_a           27.930 
_cell.length_b           27.930 
_cell.length_c           57.670 
_cell.angle_alpha        90.00 
_cell.angle_beta         90.00 
_cell.angle_gamma        90.00 
_cell.Z_PDB              8 
_cell.pdbx_unique_axis   ? 
# 
_symmetry.entry_id                         159D 
_symmetry.space_group_name_H-M             'P 41 2 2' 
_symmetry.pdbx_full_space_group_name_H-M   ? 
_symmetry.cell_setting                     ? 
_symmetry.Int_Tables_number                91 
# 
_exptl.entry_id          159D 
_exptl.method            'X-RAY DIFFRACTION' 
_exptl.crystals_number   ? 
# 
_exptl_crystal.id                    1 
_exptl_crystal.density_meas          ? 
_exptl_crystal.density_Matthews      2.37 
_exptl_crystal.density_percent_sol   48.19 
_exptl_crystal.description           ? 
# 
_exptl_crystal_grow.crystal_id      1 
_exptl_crystal_grow.method          'VAPOR DIFFUSION, HANGING DROP' 
_exptl_crystal_grow.temp            ? 
_exptl_crystal_grow.temp_details    'ROOM TEMPERATURE' 
_exptl_crystal_grow.pH              7.00 
_exptl_crystal_grow.pdbx_details    'pH 7.00, VAPOR DIFFUSION, HANGING DROP' 
_exptl_crystal_grow.pdbx_pH_range   ? 
# 
loop_
_exptl_crystal_grow_comp.crystal_id 
_exptl_crystal_grow_comp.id 
_exptl_crystal_grow_comp.sol_id 
_exptl_crystal_grow_comp.name 
_exptl_crystal_grow_comp.volume 
_exptl_crystal_grow_comp.conc 
_exptl_crystal_grow_comp.details 
1 1 1 WATER           ? ? ? 
1 2 1 MPD             ? ? ? 
1 3 1 'NA CACODYLATE' ? ? ? 
1 4 1 MGCL2           ? ? ? 
1 5 2 WATER           ? ? ? 
1 6 2 MPD             ? ? ? 
# 
_diffrn.id                     1 
_diffrn.crystal_id             1 
_diffrn.ambient_temp           ? 
_diffrn.ambient_temp_details   ? 
# 
_diffrn_detector.diffrn_id              1 
_diffrn_detector.detector               'AREA DETECTOR' 
_diffrn_detector.type                   SIEMENS 
_diffrn_detector.pdbx_collection_date   ? 
_diffrn_detector.details                ? 
# 
_diffrn_radiation.diffrn_id                        1 
_diffrn_radiation.wavelength_id                    1 
_diffrn_radiation.pdbx_monochromatic_or_laue_m_l   ? 
_diffrn_radiation.monochromator                    ? 
_diffrn_radiation.pdbx_diffrn_protocol             ? 
_diffrn_radiation.pdbx_scattering_type             x-ray 
# 
_diffrn_radiation_wavelength.id           1 
_diffrn_radiation_wavelength.wavelength   . 
_diffrn_radiation_wavelength.wt           1.0 
# 
_diffrn_source.diffrn_id                   1 
_diffrn_source.source                      'ROTATING ANODE' 
_diffrn_source.type                        ? 
_diffrn_source.pdbx_synchrotron_site       ? 
_diffrn_source.pdbx_synchrotron_beamline   ? 
_diffrn_source.pdbx_wavelength             ? 
_diffrn_source.pdbx_wavelength_list        ? 
# 
_reflns.entry_id                     159D 
_reflns.observed_criterion_sigma_I   ? 
_reflns.observed_criterion_sigma_F   ? 
_reflns.d_resolution_low             16.000 
_reflns.d_resolution_high            1.800 
_reflns.number_obs                   2423 
_reflns.number_all                   10245 
_reflns.percent_possible_obs         ? 
_reflns.pdbx_Rmerge_I_obs            ? 
_reflns.pdbx_Rsym_value              ? 
_reflns.pdbx_netI_over_sigmaI        ? 
_reflns.B_iso_Wilson_estimate        ? 
_reflns.pdbx_redundancy              ? 
_reflns.pdbx_diffrn_id               1 
_reflns.pdbx_ordinal                 1 
# 
_refine.entry_id                                 159D 
_refine.ls_number_reflns_obs                     2254 
_refine.ls_number_reflns_all                     ? 
_refine.pdbx_ls_sigma_I                          ? 
_refine.pdbx_ls_sigma_F                          2.000 
_refine.pdbx_data_cutoff_high_absF               ? 
_refine.pdbx_data_cutoff_low_absF                ? 
_refine.pdbx_data_cutoff_high_rms_absF           ? 
_refine.ls_d_res_low                             10.000 
_refine.ls_d_res_high                            1.800 
_refine.ls_percent_reflns_obs                    ? 
_refine.ls_R_factor_obs                          0.1500000 
_refine.ls_R_factor_all                          ? 
_refine.ls_R_factor_R_work                       0.1500000 
_refine.ls_R_factor_R_free                       ? 
_refine.ls_R_factor_R_free_error                 ? 
_refine.ls_R_factor_R_free_error_details         ? 
_refine.ls_percent_reflns_R_free                 ? 
_refine.ls_number_reflns_R_free                  ? 
_refine.ls_number_parameters                     ? 
_refine.ls_number_restraints                     ? 
_refine.occupancy_min                            ? 
_refine.occupancy_max                            ? 
_refine.B_iso_mean                               ? 
_refine.aniso_B[1][1]                            ? 
_refine.aniso_B[2][2]                            ? 
_refine.aniso_B[3][3]                            ? 
_refine.aniso_B[1][2]                            ? 
_refine.aniso_B[1][3]                            ? 
_refine.aniso_B[2][3]                            ? 
_refine.solvent_model_details                    ? 
_refine.solvent_model_param_ksol                 ? 
_refine.solvent_model_param_bsol                 ? 
_refine.pdbx_ls_cross_valid_method               ? 
_refine.details                                  ? 
_refine.pdbx_starting_model                      ? 
_refine.pdbx_method_to_determine_struct          ? 
_refine.pdbx_isotropic_thermal_model             ? 
_refine.pdbx_stereochemistry_target_values       ? 
_refine.pdbx_stereochem_target_val_spec_case     ? 
_refine.pdbx_R_Free_selection_details            ? 
_refine.pdbx_overall_ESU_R                       ? 
_refine.pdbx_overall_ESU_R_Free                  ? 
_refine.overall_SU_ML                            ? 
_refine.overall_SU_B                             ? 
_refine.pdbx_refine_id                           'X-RAY DIFFRACTION' 
_refine.pdbx_diffrn_id                           1 
_refine.pdbx_TLS_residual_ADP_flag               ? 
_refine.correlation_coeff_Fo_to_Fc               ? 
_refine.correlation_coeff_Fo_to_Fc_free          ? 
_refine.pdbx_solvent_vdw_probe_radii             ? 
_refine.pdbx_solvent_ion_probe_radii             ? 
_refine.pdbx_solvent_shrinkage_radii             ? 
_refine.pdbx_overall_phase_error                 ? 
_refine.overall_SU_R_Cruickshank_DPI             ? 
_refine.pdbx_overall_SU_R_free_Cruickshank_DPI   ? 
_refine.pdbx_overall_SU_R_Blow_DPI               ? 
_refine.pdbx_overall_SU_R_free_Blow_DPI          ? 
# 
_refine_hist.pdbx_refine_id                   'X-RAY DIFFRACTION' 
_refine_hist.cycle_id                         LAST 
_refine_hist.pdbx_number_atoms_protein        0 
_refine_hist.pdbx_number_atoms_nucleic_acid   157 
_refine_hist.pdbx_number_atoms_ligand         36 
_refine_hist.number_atoms_solvent             65 
_refine_hist.number_atoms_total               258 
_refine_hist.d_res_high                       1.800 
_refine_hist.d_res_low                        10.000 
# 
loop_
_refine_ls_restr.type 
_refine_ls_restr.dev_ideal 
_refine_ls_restr.dev_ideal_target 
_refine_ls_restr.weight 
_refine_ls_restr.number 
_refine_ls_restr.pdbx_refine_id 
_refine_ls_restr.pdbx_restraint_function 
x_bond_d                0.011 ? ? ? 'X-RAY DIFFRACTION' ? 
x_bond_d_na             ?     ? ? ? 'X-RAY DIFFRACTION' ? 
x_bond_d_prot           ?     ? ? ? 'X-RAY DIFFRACTION' ? 
x_angle_d               ?     ? ? ? 'X-RAY DIFFRACTION' ? 
x_angle_d_na            ?     ? ? ? 'X-RAY DIFFRACTION' ? 
x_angle_d_prot          ?     ? ? ? 'X-RAY DIFFRACTION' ? 
x_angle_deg             3.50  ? ? ? 'X-RAY DIFFRACTION' ? 
x_angle_deg_na          ?     ? ? ? 'X-RAY DIFFRACTION' ? 
x_angle_deg_prot        ?     ? ? ? 'X-RAY DIFFRACTION' ? 
x_dihedral_angle_d      38.4  ? ? ? 'X-RAY DIFFRACTION' ? 
x_dihedral_angle_d_na   ?     ? ? ? 'X-RAY DIFFRACTION' ? 
x_dihedral_angle_d_prot ?     ? ? ? 'X-RAY DIFFRACTION' ? 
x_improper_angle_d      15.30 ? ? ? 'X-RAY DIFFRACTION' ? 
x_improper_angle_d_na   ?     ? ? ? 'X-RAY DIFFRACTION' ? 
x_improper_angle_d_prot ?     ? ? ? 'X-RAY DIFFRACTION' ? 
x_mcbond_it             ?     ? ? ? 'X-RAY DIFFRACTION' ? 
x_mcangle_it            ?     ? ? ? 'X-RAY DIFFRACTION' ? 
x_scbond_it             ?     ? ? ? 'X-RAY DIFFRACTION' ? 
x_scangle_it            ?     ? ? ? 'X-RAY DIFFRACTION' ? 
# 
_struct.entry_id                  159D 
_struct.title                     
'SIDE BY SIDE BINDING OF TWO DISTAMYCIN A DRUGS IN THE MINOR GROOVE OF AN ALTERNATING B-DNA DUPLEX' 
_struct.pdbx_model_details        ? 
_struct.pdbx_CASP_flag            ? 
_struct.pdbx_model_type_details   ? 
# 
_struct_keywords.entry_id        159D 
_struct_keywords.pdbx_keywords   DNA 
_struct_keywords.text            'B-DNA, DOUBLE HELIX, COMPLEXED WITH DRUG, MODIFIED, DNA' 
# 
loop_
_struct_asym.id 
_struct_asym.pdbx_blank_PDB_chainid_flag 
_struct_asym.pdbx_modified 
_struct_asym.entity_id 
_struct_asym.details 
A N N 1 ? 
B N N 2 ? 
C N N 3 ? 
D N N 4 ? 
# 
_struct_ref.id                         1 
_struct_ref.entity_id                  1 
_struct_ref.db_name                    PDB 
_struct_ref.db_code                    159D 
_struct_ref.pdbx_db_accession          159D 
_struct_ref.pdbx_db_isoform            ? 
_struct_ref.pdbx_seq_one_letter_code   ? 
_struct_ref.pdbx_align_begin           ? 
# 
_struct_ref_seq.align_id                      1 
_struct_ref_seq.ref_id                        1 
_struct_ref_seq.pdbx_PDB_id_code              159D 
_struct_ref_seq.pdbx_strand_id                A 
_struct_ref_seq.seq_align_beg                 1 
_struct_ref_seq.pdbx_seq_align_beg_ins_code   ? 
_struct_ref_seq.seq_align_end                 8 
_struct_ref_seq.pdbx_seq_align_end_ins_code   ? 
_struct_ref_seq.pdbx_db_accession             159D 
_struct_ref_seq.db_align_beg                  1 
_struct_ref_seq.pdbx_db_align_beg_ins_code    ? 
_struct_ref_seq.db_align_end                  8 
_struct_ref_seq.pdbx_db_align_end_ins_code    ? 
_struct_ref_seq.pdbx_auth_seq_align_beg       1 
_struct_ref_seq.pdbx_auth_seq_align_end       8 
# 
_pdbx_struct_assembly.id                   1 
_pdbx_struct_assembly.details              author_defined_assembly 
_pdbx_struct_assembly.method_details       ? 
_pdbx_struct_assembly.oligomeric_details   dimeric 
_pdbx_struct_assembly.oligomeric_count     2 
# 
_pdbx_struct_assembly_gen.assembly_id       1 
_pdbx_struct_assembly_gen.oper_expression   1,2 
_pdbx_struct_assembly_gen.asym_id_list      A,B,C,D 
# 
loop_
_pdbx_struct_oper_list.id 
_pdbx_struct_oper_list.type 
_pdbx_struct_oper_list.name 
_pdbx_struct_oper_list.symmetry_operation 
_pdbx_struct_oper_list.matrix[1][1] 
_pdbx_struct_oper_list.matrix[1][2] 
_pdbx_struct_oper_list.matrix[1][3] 
_pdbx_struct_oper_list.vector[1] 
_pdbx_struct_oper_list.matrix[2][1] 
_pdbx_struct_oper_list.matrix[2][2] 
_pdbx_struct_oper_list.matrix[2][3] 
_pdbx_struct_oper_list.vector[2] 
_pdbx_struct_oper_list.matrix[3][1] 
_pdbx_struct_oper_list.matrix[3][2] 
_pdbx_struct_oper_list.matrix[3][3] 
_pdbx_struct_oper_list.vector[3] 
1 'identity operation'         1_555 x,y,z       1.0000000000 0.0000000000  0.0000000000  0.0000000000  0.0000000000  1.0000000000  0.0000000000 0.0000000000  0.0000000000  0.0000000000 1.0000000000  0.0000000000  
2 'crystal symmetry operation' 6_555 x,-y,-z+1/2 0.4992241980 -0.2671977462 -0.8242454517 -1.1692018974 -0.2671977462 -0.9523789466 0.1469003284 -4.1225000501 -0.8242454517 0.1469003284 -0.5468452513 -0.7902658772 
# 
_struct_biol.id   1 
# 
loop_
_struct_conn.id 
_struct_conn.conn_type_id 
_struct_conn.pdbx_leaving_atom_flag 
_struct_conn.pdbx_PDB_id 
_struct_conn.ptnr1_label_asym_id 
_struct_conn.ptnr1_label_comp_id 
_struct_conn.ptnr1_label_seq_id 
_struct_conn.ptnr1_label_atom_id 
_struct_conn.pdbx_ptnr1_label_alt_id 
_struct_conn.pdbx_ptnr1_PDB_ins_code 
_struct_conn.pdbx_ptnr1_standard_comp_id 
_struct_conn.ptnr1_symmetry 
_struct_conn.ptnr2_label_asym_id 
_struct_conn.ptnr2_label_comp_id 
_struct_conn.ptnr2_label_seq_id 
_struct_conn.ptnr2_label_atom_id 
_struct_conn.pdbx_ptnr2_label_alt_id 
_struct_conn.pdbx_ptnr2_PDB_ins_code 
_struct_conn.ptnr1_auth_asym_id 
_struct_conn.ptnr1_auth_comp_id 
_struct_conn.ptnr1_auth_seq_id 
_struct_conn.ptnr2_auth_asym_id 
_struct_conn.ptnr2_auth_comp_id 
_struct_conn.ptnr2_auth_seq_id 
_struct_conn.ptnr2_symmetry 
_struct_conn.pdbx_ptnr3_label_atom_id 
_struct_conn.pdbx_ptnr3_label_seq_id 
_struct_conn.pdbx_ptnr3_label_comp_id 
_struct_conn.pdbx_ptnr3_label_asym_id 
_struct_conn.pdbx_ptnr3_label_alt_id 
_struct_conn.pdbx_ptnr3_PDB_ins_code 
_struct_conn.details 
_struct_conn.pdbx_dist_value 
_struct_conn.pdbx_value_order 
_struct_conn.pdbx_role 
metalc1 metalc ? ? A DC 6 OP2 ? ? ? 1_555 C MG  . MG ? ? A DC 6  A MG  10 1_555 ? ? ? ? ? ? ? 1.933 ? ? 
metalc2 metalc ? ? C MG . MG  ? ? ? 1_555 D HOH . O  ? ? A MG 10 A HOH 11 1_555 ? ? ? ? ? ? ? 2.049 ? ? 
metalc3 metalc ? ? C MG . MG  ? ? ? 1_555 D HOH . O  ? ? A MG 10 A HOH 19 1_555 ? ? ? ? ? ? ? 2.018 ? ? 
metalc4 metalc ? ? C MG . MG  ? ? ? 1_555 D HOH . O  ? ? A MG 10 A HOH 20 1_555 ? ? ? ? ? ? ? 2.085 ? ? 
# 
_struct_conn_type.id          metalc 
_struct_conn_type.criteria    ? 
_struct_conn_type.reference   ? 
# 
loop_
_pdbx_struct_conn_angle.id 
_pdbx_struct_conn_angle.ptnr1_label_atom_id 
_pdbx_struct_conn_angle.ptnr1_label_alt_id 
_pdbx_struct_conn_angle.ptnr1_label_asym_id 
_pdbx_struct_conn_angle.ptnr1_label_comp_id 
_pdbx_struct_conn_angle.ptnr1_label_seq_id 
_pdbx_struct_conn_angle.ptnr1_auth_atom_id 
_pdbx_struct_conn_angle.ptnr1_auth_asym_id 
_pdbx_struct_conn_angle.ptnr1_auth_comp_id 
_pdbx_struct_conn_angle.ptnr1_auth_seq_id 
_pdbx_struct_conn_angle.ptnr1_PDB_ins_code 
_pdbx_struct_conn_angle.ptnr1_symmetry 
_pdbx_struct_conn_angle.ptnr2_label_atom_id 
_pdbx_struct_conn_angle.ptnr2_label_alt_id 
_pdbx_struct_conn_angle.ptnr2_label_asym_id 
_pdbx_struct_conn_angle.ptnr2_label_comp_id 
_pdbx_struct_conn_angle.ptnr2_label_seq_id 
_pdbx_struct_conn_angle.ptnr2_auth_atom_id 
_pdbx_struct_conn_angle.ptnr2_auth_asym_id 
_pdbx_struct_conn_angle.ptnr2_auth_comp_id 
_pdbx_struct_conn_angle.ptnr2_auth_seq_id 
_pdbx_struct_conn_angle.ptnr2_PDB_ins_code 
_pdbx_struct_conn_angle.ptnr2_symmetry 
_pdbx_struct_conn_angle.ptnr3_label_atom_id 
_pdbx_struct_conn_angle.ptnr3_label_alt_id 
_pdbx_struct_conn_angle.ptnr3_label_asym_id 
_pdbx_struct_conn_angle.ptnr3_label_comp_id 
_pdbx_struct_conn_angle.ptnr3_label_seq_id 
_pdbx_struct_conn_angle.ptnr3_auth_atom_id 
_pdbx_struct_conn_angle.ptnr3_auth_asym_id 
_pdbx_struct_conn_angle.ptnr3_auth_comp_id 
_pdbx_struct_conn_angle.ptnr3_auth_seq_id 
_pdbx_struct_conn_angle.ptnr3_PDB_ins_code 
_pdbx_struct_conn_angle.ptnr3_symmetry 
_pdbx_struct_conn_angle.value 
_pdbx_struct_conn_angle.value_esd 
1 OP2 ? A DC  6 ? A DC  6  ? 1_555 MG ? C MG . ? A MG 10 ? 1_555 O ? D HOH . ? A HOH 11 ? 1_555 89.4  ? 
2 OP2 ? A DC  6 ? A DC  6  ? 1_555 MG ? C MG . ? A MG 10 ? 1_555 O ? D HOH . ? A HOH 19 ? 1_555 87.1  ? 
3 O   ? D HOH . ? A HOH 11 ? 1_555 MG ? C MG . ? A MG 10 ? 1_555 O ? D HOH . ? A HOH 19 ? 1_555 91.9  ? 
4 OP2 ? A DC  6 ? A DC  6  ? 1_555 MG ? C MG . ? A MG 10 ? 1_555 O ? D HOH . ? A HOH 20 ? 1_555 98.4  ? 
5 O   ? D HOH . ? A HOH 11 ? 1_555 MG ? C MG . ? A MG 10 ? 1_555 O ? D HOH . ? A HOH 20 ? 1_555 171.6 ? 
6 O   ? D HOH . ? A HOH 19 ? 1_555 MG ? C MG . ? A MG 10 ? 1_555 O ? D HOH . ? A HOH 20 ? 1_555 91.5  ? 
# 
loop_
_struct_site.id 
_struct_site.pdbx_evidence_code 
_struct_site.pdbx_auth_asym_id 
_struct_site.pdbx_auth_comp_id 
_struct_site.pdbx_auth_seq_id 
_struct_site.pdbx_auth_ins_code 
_struct_site.pdbx_num_residues 
_struct_site.details 
AC1 Software A DMY 9  ? 16 'BINDING SITE FOR RESIDUE DMY A 9' 
AC2 Software A MG  10 ? 6  'BINDING SITE FOR RESIDUE MG A 10' 
1   ?        ? ?   ?  ? ?  ?                                  
# 
loop_
_struct_site_gen.id 
_struct_site_gen.site_id 
_struct_site_gen.pdbx_num_res 
_struct_site_gen.label_comp_id 
_struct_site_gen.label_asym_id 
_struct_site_gen.label_seq_id 
_struct_site_gen.pdbx_auth_ins_code 
_struct_site_gen.auth_comp_id 
_struct_site_gen.auth_asym_id 
_struct_site_gen.auth_seq_id 
_struct_site_gen.label_atom_id 
_struct_site_gen.label_alt_id 
_struct_site_gen.symmetry 
_struct_site_gen.details 
1  AC1 16 DC  A 2 ? DC  A 2  . ? 1_555 ? 
2  AC1 16 DI  A 3 ? DI  A 3  . ? 1_555 ? 
3  AC1 16 DI  A 3 ? DI  A 3  . ? 6_555 ? 
4  AC1 16 DC  A 4 ? DC  A 4  . ? 6_555 ? 
5  AC1 16 DI  A 5 ? DI  A 5  . ? 6_555 ? 
6  AC1 16 DC  A 6 ? DC  A 6  . ? 6_555 ? 
7  AC1 16 DC  A 6 ? DC  A 6  . ? 8_565 ? 
8  AC1 16 DI  A 7 ? DI  A 7  . ? 6_555 ? 
9  AC1 16 DC  A 8 ? DC  A 8  . ? 6_555 ? 
10 AC1 16 HOH D . ? HOH A 14 . ? 1_555 ? 
11 AC1 16 HOH D . ? HOH A 22 . ? 6_555 ? 
12 AC1 16 HOH D . ? HOH A 33 . ? 6_555 ? 
13 AC1 16 HOH D . ? HOH A 33 . ? 1_555 ? 
14 AC1 16 HOH D . ? HOH A 49 . ? 1_555 ? 
15 AC1 16 HOH D . ? HOH A 53 . ? 6_555 ? 
16 AC1 16 HOH D . ? HOH A 67 . ? 1_555 ? 
17 AC2 6  DC  A 6 ? DC  A 6  . ? 1_555 ? 
18 AC2 6  HOH D . ? HOH A 11 . ? 1_555 ? 
19 AC2 6  HOH D . ? HOH A 13 . ? 4_554 ? 
20 AC2 6  HOH D . ? HOH A 16 . ? 4_554 ? 
21 AC2 6  HOH D . ? HOH A 19 . ? 1_555 ? 
22 AC2 6  HOH D . ? HOH A 20 . ? 1_555 ? 
# 
_pdbx_validate_symm_contact.id                1 
_pdbx_validate_symm_contact.PDB_model_num     1 
_pdbx_validate_symm_contact.auth_atom_id_1    O 
_pdbx_validate_symm_contact.auth_asym_id_1    A 
_pdbx_validate_symm_contact.auth_comp_id_1    HOH 
_pdbx_validate_symm_contact.auth_seq_id_1     41 
_pdbx_validate_symm_contact.PDB_ins_code_1    ? 
_pdbx_validate_symm_contact.label_alt_id_1    ? 
_pdbx_validate_symm_contact.site_symmetry_1   1_555 
_pdbx_validate_symm_contact.auth_atom_id_2    O 
_pdbx_validate_symm_contact.auth_asym_id_2    A 
_pdbx_validate_symm_contact.auth_comp_id_2    HOH 
_pdbx_validate_symm_contact.auth_seq_id_2     41 
_pdbx_validate_symm_contact.PDB_ins_code_2    ? 
_pdbx_validate_symm_contact.label_alt_id_2    ? 
_pdbx_validate_symm_contact.site_symmetry_2   8_555 
_pdbx_validate_symm_contact.dist              1.83 
# 
loop_
_pdbx_validate_rmsd_angle.id 
_pdbx_validate_rmsd_angle.PDB_model_num 
_pdbx_validate_rmsd_angle.auth_atom_id_1 
_pdbx_validate_rmsd_angle.auth_asym_id_1 
_pdbx_validate_rmsd_angle.auth_comp_id_1 
_pdbx_validate_rmsd_angle.auth_seq_id_1 
_pdbx_validate_rmsd_angle.PDB_ins_code_1 
_pdbx_validate_rmsd_angle.label_alt_id_1 
_pdbx_validate_rmsd_angle.auth_atom_id_2 
_pdbx_validate_rmsd_angle.auth_asym_id_2 
_pdbx_validate_rmsd_angle.auth_comp_id_2 
_pdbx_validate_rmsd_angle.auth_seq_id_2 
_pdbx_validate_rmsd_angle.PDB_ins_code_2 
_pdbx_validate_rmsd_angle.label_alt_id_2 
_pdbx_validate_rmsd_angle.auth_atom_id_3 
_pdbx_validate_rmsd_angle.auth_asym_id_3 
_pdbx_validate_rmsd_angle.auth_comp_id_3 
_pdbx_validate_rmsd_angle.auth_seq_id_3 
_pdbx_validate_rmsd_angle.PDB_ins_code_3 
_pdbx_validate_rmsd_angle.label_alt_id_3 
_pdbx_validate_rmsd_angle.angle_value 
_pdbx_validate_rmsd_angle.angle_target_value 
_pdbx_validate_rmsd_angle.angle_deviation 
_pdbx_validate_rmsd_angle.angle_standard_deviation 
_pdbx_validate_rmsd_angle.linker_flag 
1 1 "O4'" A DC 2 ? ? "C1'" A DC 2 ? ? N1    A DC 2 ? ? 111.54 108.30 3.24  0.30 N 
2 1 "O3'" A DC 2 ? ? P     A DI 3 ? ? OP1   A DI 3 ? ? 118.37 110.50 7.87  1.10 Y 
3 1 "O4'" A DC 4 ? ? "C1'" A DC 4 ? ? "C2'" A DC 4 ? ? 100.81 105.90 -5.09 0.80 N 
4 1 N1    A DC 4 ? ? C2    A DC 4 ? ? O2    A DC 4 ? ? 122.55 118.90 3.65  0.60 N 
5 1 N1    A DC 6 ? ? C2    A DC 6 ? ? O2    A DC 6 ? ? 122.97 118.90 4.07  0.60 N 
6 1 "O3'" A DC 6 ? ? P     A DI 7 ? ? OP2   A DI 7 ? ? 118.05 110.50 7.55  1.10 Y 
7 1 "O3'" A DI 7 ? ? P     A DC 8 ? ? OP2   A DC 8 ? ? 119.72 110.50 9.22  1.10 Y 
# 
loop_
_pdbx_validate_planes.id 
_pdbx_validate_planes.PDB_model_num 
_pdbx_validate_planes.auth_comp_id 
_pdbx_validate_planes.auth_asym_id 
_pdbx_validate_planes.auth_seq_id 
_pdbx_validate_planes.PDB_ins_code 
_pdbx_validate_planes.label_alt_id 
_pdbx_validate_planes.rmsd 
_pdbx_validate_planes.type 
1 1 DI A 3 ? ? 0.074 'SIDE CHAIN' 
2 1 DI A 5 ? ? 0.089 'SIDE CHAIN' 
3 1 DC A 6 ? ? 0.056 'SIDE CHAIN' 
# 
_struct_site_keywords.site_id   1 
_struct_site_keywords.text      'MINOR GROOVE BINDER' 
# 
loop_
_refine_B_iso.class 
_refine_B_iso.details 
_refine_B_iso.treatment 
_refine_B_iso.pdbx_refine_id 
'ALL ATOMS'  TR isotropic 'X-RAY DIFFRACTION' 
'ALL WATERS' TR isotropic 'X-RAY DIFFRACTION' 
# 
loop_
_refine_occupancy.class 
_refine_occupancy.treatment 
_refine_occupancy.pdbx_refine_id 
'ALL ATOMS'  fix 'X-RAY DIFFRACTION' 
'ALL WATERS' fix 'X-RAY DIFFRACTION' 
# 
loop_
_chem_comp_atom.comp_id 
_chem_comp_atom.atom_id 
_chem_comp_atom.type_symbol 
_chem_comp_atom.pdbx_aromatic_flag 
_chem_comp_atom.pdbx_stereo_config 
_chem_comp_atom.pdbx_ordinal 
DC  OP3    O  N N 1   
DC  P      P  N N 2   
DC  OP1    O  N N 3   
DC  OP2    O  N N 4   
DC  "O5'"  O  N N 5   
DC  "C5'"  C  N N 6   
DC  "C4'"  C  N R 7   
DC  "O4'"  O  N N 8   
DC  "C3'"  C  N S 9   
DC  "O3'"  O  N N 10  
DC  "C2'"  C  N N 11  
DC  "C1'"  C  N R 12  
DC  N1     N  N N 13  
DC  C2     C  N N 14  
DC  O2     O  N N 15  
DC  N3     N  N N 16  
DC  C4     C  N N 17  
DC  N4     N  N N 18  
DC  C5     C  N N 19  
DC  C6     C  N N 20  
DC  HOP3   H  N N 21  
DC  HOP2   H  N N 22  
DC  "H5'"  H  N N 23  
DC  "H5''" H  N N 24  
DC  "H4'"  H  N N 25  
DC  "H3'"  H  N N 26  
DC  "HO3'" H  N N 27  
DC  "H2'"  H  N N 28  
DC  "H2''" H  N N 29  
DC  "H1'"  H  N N 30  
DC  H41    H  N N 31  
DC  H42    H  N N 32  
DC  H5     H  N N 33  
DC  H6     H  N N 34  
DI  OP3    O  N N 35  
DI  P      P  N N 36  
DI  OP1    O  N N 37  
DI  OP2    O  N N 38  
DI  "O5'"  O  N N 39  
DI  "C5'"  C  N N 40  
DI  "C4'"  C  N R 41  
DI  "O4'"  O  N N 42  
DI  "C3'"  C  N S 43  
DI  "O3'"  O  N N 44  
DI  "C2'"  C  N N 45  
DI  "C1'"  C  N R 46  
DI  N9     N  Y N 47  
DI  C8     C  Y N 48  
DI  N7     N  Y N 49  
DI  C5     C  Y N 50  
DI  C6     C  N N 51  
DI  O6     O  N N 52  
DI  N1     N  N N 53  
DI  C2     C  N N 54  
DI  N3     N  N N 55  
DI  C4     C  Y N 56  
DI  HOP3   H  N N 57  
DI  HOP2   H  N N 58  
DI  "H5'"  H  N N 59  
DI  "H5''" H  N N 60  
DI  "H4'"  H  N N 61  
DI  "H3'"  H  N N 62  
DI  "HO3'" H  N N 63  
DI  "H2'"  H  N N 64  
DI  "H2''" H  N N 65  
DI  "H1'"  H  N N 66  
DI  H8     H  N N 67  
DI  H1     H  N N 68  
DI  H2     H  N N 69  
DMY C1     C  N N 70  
DMY O1     O  N N 71  
DMY N1     N  N N 72  
DMY C2     C  Y N 73  
DMY C3     C  Y N 74  
DMY C4     C  Y N 75  
DMY N2     N  Y N 76  
DMY C5     C  Y N 77  
DMY C6     C  N N 78  
DMY C7     C  N N 79  
DMY O2     O  N N 80  
DMY N3     N  N N 81  
DMY C8     C  Y N 82  
DMY C9     C  Y N 83  
DMY C10    C  Y N 84  
DMY N4     N  Y N 85  
DMY C11    C  Y N 86  
DMY C12    C  N N 87  
DMY C13    C  N N 88  
DMY O3     O  N N 89  
DMY N5     N  N N 90  
DMY C14    C  Y N 91  
DMY C15    C  Y N 92  
DMY C16    C  Y N 93  
DMY N6     N  Y N 94  
DMY C17    C  Y N 95  
DMY C18    C  N N 96  
DMY C19    C  N N 97  
DMY O4     O  N N 98  
DMY N7     N  N N 99  
DMY C20    C  N N 100 
DMY C21    C  N N 101 
DMY C22    C  N N 102 
DMY N8     N  N N 103 
DMY N9     N  N N 104 
DMY H1     H  N N 105 
DMY HN1    H  N N 106 
DMY H3     H  N N 107 
DMY H5     H  N N 108 
DMY H61    H  N N 109 
DMY H62    H  N N 110 
DMY H63    H  N N 111 
DMY HN3    H  N N 112 
DMY H9     H  N N 113 
DMY H11    H  N N 114 
DMY H121   H  N N 115 
DMY H122   H  N N 116 
DMY H123   H  N N 117 
DMY HN5    H  N N 118 
DMY H15    H  N N 119 
DMY H17    H  N N 120 
DMY H181   H  N N 121 
DMY H182   H  N N 122 
DMY H183   H  N N 123 
DMY HN7    H  N N 124 
DMY H201   H  N N 125 
DMY H202   H  N N 126 
DMY H211   H  N N 127 
DMY H212   H  N N 128 
DMY HN8    H  N N 129 
DMY HN91   H  N N 130 
DMY HN92   H  N N 131 
HOH O      O  N N 132 
HOH H1     H  N N 133 
HOH H2     H  N N 134 
MG  MG     MG N N 135 
# 
loop_
_chem_comp_bond.comp_id 
_chem_comp_bond.atom_id_1 
_chem_comp_bond.atom_id_2 
_chem_comp_bond.value_order 
_chem_comp_bond.pdbx_aromatic_flag 
_chem_comp_bond.pdbx_stereo_config 
_chem_comp_bond.pdbx_ordinal 
DC  OP3   P      sing N N 1   
DC  OP3   HOP3   sing N N 2   
DC  P     OP1    doub N N 3   
DC  P     OP2    sing N N 4   
DC  P     "O5'"  sing N N 5   
DC  OP2   HOP2   sing N N 6   
DC  "O5'" "C5'"  sing N N 7   
DC  "C5'" "C4'"  sing N N 8   
DC  "C5'" "H5'"  sing N N 9   
DC  "C5'" "H5''" sing N N 10  
DC  "C4'" "O4'"  sing N N 11  
DC  "C4'" "C3'"  sing N N 12  
DC  "C4'" "H4'"  sing N N 13  
DC  "O4'" "C1'"  sing N N 14  
DC  "C3'" "O3'"  sing N N 15  
DC  "C3'" "C2'"  sing N N 16  
DC  "C3'" "H3'"  sing N N 17  
DC  "O3'" "HO3'" sing N N 18  
DC  "C2'" "C1'"  sing N N 19  
DC  "C2'" "H2'"  sing N N 20  
DC  "C2'" "H2''" sing N N 21  
DC  "C1'" N1     sing N N 22  
DC  "C1'" "H1'"  sing N N 23  
DC  N1    C2     sing N N 24  
DC  N1    C6     sing N N 25  
DC  C2    O2     doub N N 26  
DC  C2    N3     sing N N 27  
DC  N3    C4     doub N N 28  
DC  C4    N4     sing N N 29  
DC  C4    C5     sing N N 30  
DC  N4    H41    sing N N 31  
DC  N4    H42    sing N N 32  
DC  C5    C6     doub N N 33  
DC  C5    H5     sing N N 34  
DC  C6    H6     sing N N 35  
DI  OP3   P      sing N N 36  
DI  OP3   HOP3   sing N N 37  
DI  P     OP1    doub N N 38  
DI  P     OP2    sing N N 39  
DI  P     "O5'"  sing N N 40  
DI  OP2   HOP2   sing N N 41  
DI  "O5'" "C5'"  sing N N 42  
DI  "C5'" "C4'"  sing N N 43  
DI  "C5'" "H5'"  sing N N 44  
DI  "C5'" "H5''" sing N N 45  
DI  "C4'" "O4'"  sing N N 46  
DI  "C4'" "C3'"  sing N N 47  
DI  "C4'" "H4'"  sing N N 48  
DI  "O4'" "C1'"  sing N N 49  
DI  "C3'" "O3'"  sing N N 50  
DI  "C3'" "C2'"  sing N N 51  
DI  "C3'" "H3'"  sing N N 52  
DI  "O3'" "HO3'" sing N N 53  
DI  "C2'" "C1'"  sing N N 54  
DI  "C2'" "H2'"  sing N N 55  
DI  "C2'" "H2''" sing N N 56  
DI  "C1'" N9     sing N N 57  
DI  "C1'" "H1'"  sing N N 58  
DI  N9    C8     sing Y N 59  
DI  N9    C4     sing Y N 60  
DI  C8    N7     doub Y N 61  
DI  C8    H8     sing N N 62  
DI  N7    C5     sing Y N 63  
DI  C5    C6     sing N N 64  
DI  C5    C4     doub Y N 65  
DI  C6    O6     doub N N 66  
DI  C6    N1     sing N N 67  
DI  N1    C2     sing N N 68  
DI  N1    H1     sing N N 69  
DI  C2    N3     doub N N 70  
DI  C2    H2     sing N N 71  
DI  N3    C4     sing N N 72  
DMY C1    O1     doub N N 73  
DMY C1    N1     sing N N 74  
DMY C1    H1     sing N N 75  
DMY N1    C2     sing N N 76  
DMY N1    HN1    sing N N 77  
DMY C2    C3     sing Y N 78  
DMY C2    C5     doub Y N 79  
DMY C3    C4     doub Y N 80  
DMY C3    H3     sing N N 81  
DMY C4    N2     sing Y N 82  
DMY C4    C7     sing N N 83  
DMY N2    C5     sing Y N 84  
DMY N2    C6     sing N N 85  
DMY C5    H5     sing N N 86  
DMY C6    H61    sing N N 87  
DMY C6    H62    sing N N 88  
DMY C6    H63    sing N N 89  
DMY C7    O2     doub N N 90  
DMY C7    N3     sing N N 91  
DMY N3    C8     sing N N 92  
DMY N3    HN3    sing N N 93  
DMY C8    C9     sing Y N 94  
DMY C8    C11    doub Y N 95  
DMY C9    C10    doub Y N 96  
DMY C9    H9     sing N N 97  
DMY C10   N4     sing Y N 98  
DMY C10   C13    sing N N 99  
DMY N4    C11    sing Y N 100 
DMY N4    C12    sing N N 101 
DMY C11   H11    sing N N 102 
DMY C12   H121   sing N N 103 
DMY C12   H122   sing N N 104 
DMY C12   H123   sing N N 105 
DMY C13   O3     doub N N 106 
DMY C13   N5     sing N N 107 
DMY N5    C14    sing N N 108 
DMY N5    HN5    sing N N 109 
DMY C14   C15    sing Y N 110 
DMY C14   C17    doub Y N 111 
DMY C15   C16    doub Y N 112 
DMY C15   H15    sing N N 113 
DMY C16   N6     sing Y N 114 
DMY C16   C19    sing N N 115 
DMY N6    C17    sing Y N 116 
DMY N6    C18    sing N N 117 
DMY C17   H17    sing N N 118 
DMY C18   H181   sing N N 119 
DMY C18   H182   sing N N 120 
DMY C18   H183   sing N N 121 
DMY C19   O4     doub N N 122 
DMY C19   N7     sing N N 123 
DMY N7    C20    sing N N 124 
DMY N7    HN7    sing N N 125 
DMY C20   C21    sing N N 126 
DMY C20   H201   sing N N 127 
DMY C20   H202   sing N N 128 
DMY C21   C22    sing N N 129 
DMY C21   H211   sing N N 130 
DMY C21   H212   sing N N 131 
DMY C22   N8     doub N N 132 
DMY C22   N9     sing N N 133 
DMY N8    HN8    sing N N 134 
DMY N9    HN91   sing N N 135 
DMY N9    HN92   sing N N 136 
HOH O     H1     sing N N 137 
HOH O     H2     sing N N 138 
# 
_atom_sites.entry_id                    159D 
_atom_sites.fract_transf_matrix[1][1]   0.03099915 
_atom_sites.fract_transf_matrix[1][2]   -0.00552479 
_atom_sites.fract_transf_matrix[1][3]   -0.01704276 
_atom_sites.fract_transf_matrix[2][1]   0.01599284 
_atom_sites.fract_transf_matrix[2][2]   -0.00681803 
_atom_sites.fract_transf_matrix[2][3]   0.03129968 
_atom_sites.fract_transf_matrix[3][1]   -0.00391082 
_atom_sites.fract_transf_matrix[3][2]   -0.01681110 
_atom_sites.fract_transf_matrix[3][3]   -0.00166371 
_atom_sites.fract_transf_vector[1]      0.323573 
_atom_sites.fract_transf_vector[2]      0.007663 
_atom_sites.fract_transf_vector[3]      0.212404 
# 
loop_
_atom_type.symbol 
C  
MG 
N  
O  
P  
# 
loop_
_atom_site.group_PDB 
_atom_site.id 
_atom_site.type_symbol 
_atom_site.label_atom_id 
_atom_site.label_alt_id 
_atom_site.label_comp_id 
_atom_site.label_asym_id 
_atom_site.label_entity_id 
_atom_site.label_seq_id 
_atom_site.pdbx_PDB_ins_code 
_atom_site.Cartn_x 
_atom_site.Cartn_y 
_atom_site.Cartn_z 
_atom_site.occupancy 
_atom_site.B_iso_or_equiv 
_atom_site.pdbx_formal_charge 
_atom_site.auth_seq_id 
_atom_site.auth_comp_id 
_atom_site.auth_asym_id 
_atom_site.auth_atom_id 
_atom_site.pdbx_PDB_model_num 
ATOM   1   O  "O5'" . DI  A 1 1 ? -3.723 -6.874 16.758  1.00 10.18 ? 1  DI  A "O5'" 1 
ATOM   2   C  "C5'" . DI  A 1 1 ? -4.241 -6.239 15.585  1.00 9.69  ? 1  DI  A "C5'" 1 
ATOM   3   C  "C4'" . DI  A 1 1 ? -3.661 -4.824 15.521  1.00 9.50  ? 1  DI  A "C4'" 1 
ATOM   4   O  "O4'" . DI  A 1 1 ? -2.238 -4.846 15.260  1.00 9.26  ? 1  DI  A "O4'" 1 
ATOM   5   C  "C3'" . DI  A 1 1 ? -4.288 -3.966 14.449  1.00 9.65  ? 1  DI  A "C3'" 1 
ATOM   6   O  "O3'" . DI  A 1 1 ? -4.240 -2.618 14.948  1.00 9.88  ? 1  DI  A "O3'" 1 
ATOM   7   C  "C2'" . DI  A 1 1 ? -3.311 -4.191 13.307  1.00 9.15  ? 1  DI  A "C2'" 1 
ATOM   8   C  "C1'" . DI  A 1 1 ? -1.959 -4.253 13.974  1.00 8.96  ? 1  DI  A "C1'" 1 
ATOM   9   N  N9    . DI  A 1 1 ? -0.993 -5.090 13.232  1.00 8.59  ? 1  DI  A N9    1 
ATOM   10  C  C8    . DI  A 1 1 ? -1.041 -6.448 12.978  1.00 8.36  ? 1  DI  A C8    1 
ATOM   11  N  N7    . DI  A 1 1 ? 0.009  -6.900 12.335  1.00 8.31  ? 1  DI  A N7    1 
ATOM   12  C  C5    . DI  A 1 1 ? 0.838  -5.790 12.205  1.00 8.31  ? 1  DI  A C5    1 
ATOM   13  C  C6    . DI  A 1 1 ? 2.087  -5.665 11.530  1.00 8.32  ? 1  DI  A C6    1 
ATOM   14  O  O6    . DI  A 1 1 ? 2.767  -6.533 10.992  1.00 8.34  ? 1  DI  A O6    1 
ATOM   15  N  N1    . DI  A 1 1 ? 2.504  -4.344 11.487  1.00 8.37  ? 1  DI  A N1    1 
ATOM   16  C  C2    . DI  A 1 1 ? 1.820  -3.282 12.032  1.00 8.24  ? 1  DI  A C2    1 
ATOM   17  N  N3    . DI  A 1 1 ? 0.667  -3.398 12.688  1.00 8.10  ? 1  DI  A N3    1 
ATOM   18  C  C4    . DI  A 1 1 ? 0.225  -4.675 12.728  1.00 8.45  ? 1  DI  A C4    1 
ATOM   19  P  P     . DC  A 1 2 ? -5.013 -1.422 14.219  1.00 10.86 ? 2  DC  A P     1 
ATOM   20  O  OP1   . DC  A 1 2 ? -5.001 -0.266 15.157  1.00 10.99 ? 2  DC  A OP1   1 
ATOM   21  O  OP2   . DC  A 1 2 ? -6.296 -1.982 13.761  1.00 11.19 ? 2  DC  A OP2   1 
ATOM   22  O  "O5'" . DC  A 1 2 ? -4.165 -1.050 12.923  1.00 11.01 ? 2  DC  A "O5'" 1 
ATOM   23  C  "C5'" . DC  A 1 2 ? -3.105 -0.097 12.981  1.00 11.02 ? 2  DC  A "C5'" 1 
ATOM   24  C  "C4'" . DC  A 1 2 ? -2.396 -0.030 11.655  1.00 11.04 ? 2  DC  A "C4'" 1 
ATOM   25  O  "O4'" . DC  A 1 2 ? -1.737 -1.277 11.372  1.00 10.69 ? 2  DC  A "O4'" 1 
ATOM   26  C  "C3'" . DC  A 1 2 ? -3.404 0.181  10.513  1.00 11.32 ? 2  DC  A "C3'" 1 
ATOM   27  O  "O3'" . DC  A 1 2 ? -2.938 1.220  9.653   1.00 11.88 ? 2  DC  A "O3'" 1 
ATOM   28  C  "C2'" . DC  A 1 2 ? -3.337 -1.120 9.762   1.00 10.83 ? 2  DC  A "C2'" 1 
ATOM   29  C  "C1'" . DC  A 1 2 ? -1.896 -1.498 9.978   1.00 10.53 ? 2  DC  A "C1'" 1 
ATOM   30  N  N1    . DC  A 1 2 ? -1.499 -2.875 9.596   1.00 10.09 ? 2  DC  A N1    1 
ATOM   31  C  C2    . DC  A 1 2 ? -0.213 -3.045 9.101   1.00 9.91  ? 2  DC  A C2    1 
ATOM   32  O  O2    . DC  A 1 2 ? 0.560  -2.098 8.928   1.00 9.81  ? 2  DC  A O2    1 
ATOM   33  N  N3    . DC  A 1 2 ? 0.204  -4.306 8.817   1.00 9.66  ? 2  DC  A N3    1 
ATOM   34  C  C4    . DC  A 1 2 ? -0.594 -5.367 9.046   1.00 9.72  ? 2  DC  A C4    1 
ATOM   35  N  N4    . DC  A 1 2 ? -0.127 -6.589 8.785   1.00 9.62  ? 2  DC  A N4    1 
ATOM   36  C  C5    . DC  A 1 2 ? -1.909 -5.213 9.590   1.00 9.59  ? 2  DC  A C5    1 
ATOM   37  C  C6    . DC  A 1 2 ? -2.309 -3.953 9.862   1.00 9.94  ? 2  DC  A C6    1 
ATOM   38  P  P     . DI  A 1 3 ? -3.692 2.605  9.710   1.00 12.77 ? 3  DI  A P     1 
ATOM   39  O  OP1   . DI  A 1 3 ? -3.726 3.334  10.996  1.00 13.49 ? 3  DI  A OP1   1 
ATOM   40  O  OP2   . DI  A 1 3 ? -4.938 2.292  8.982   1.00 12.93 ? 3  DI  A OP2   1 
ATOM   41  O  "O5'" . DI  A 1 3 ? -2.750 3.400  8.703   1.00 12.45 ? 3  DI  A "O5'" 1 
ATOM   42  C  "C5'" . DI  A 1 3 ? -1.522 4.031  9.050   1.00 11.77 ? 3  DI  A "C5'" 1 
ATOM   43  C  "C4'" . DI  A 1 3 ? -0.655 4.188  7.830   1.00 11.50 ? 3  DI  A "C4'" 1 
ATOM   44  O  "O4'" . DI  A 1 3 ? -0.241 2.899  7.377   1.00 11.40 ? 3  DI  A "O4'" 1 
ATOM   45  C  "C3'" . DI  A 1 3 ? -1.391 4.806  6.649   1.00 11.65 ? 3  DI  A "C3'" 1 
ATOM   46  O  "O3'" . DI  A 1 3 ? -0.490 5.686  5.985   1.00 12.18 ? 3  DI  A "O3'" 1 
ATOM   47  C  "C2'" . DI  A 1 3 ? -1.737 3.628  5.766   1.00 11.28 ? 3  DI  A "C2'" 1 
ATOM   48  C  "C1'" . DI  A 1 3 ? -0.605 2.654  5.999   1.00 10.84 ? 3  DI  A "C1'" 1 
ATOM   49  N  N9    . DI  A 1 3 ? -1.044 1.245  5.881   1.00 10.20 ? 3  DI  A N9    1 
ATOM   50  C  C8    . DI  A 1 3 ? -2.051 0.642  6.574   1.00 10.09 ? 3  DI  A C8    1 
ATOM   51  N  N7    . DI  A 1 3 ? -2.076 -0.660 6.478   1.00 9.75  ? 3  DI  A N7    1 
ATOM   52  C  C5    . DI  A 1 3 ? -0.938 -0.957 5.746   1.00 9.60  ? 3  DI  A C5    1 
ATOM   53  C  C6    . DI  A 1 3 ? -0.404 -2.220 5.397   1.00 9.39  ? 3  DI  A C6    1 
ATOM   54  O  O6    . DI  A 1 3 ? -0.849 -3.331 5.677   1.00 8.85  ? 3  DI  A O6    1 
ATOM   55  N  N1    . DI  A 1 3 ? 0.762  -2.094 4.649   1.00 9.22  ? 3  DI  A N1    1 
ATOM   56  C  C2    . DI  A 1 3 ? 1.359  -0.896 4.304   1.00 9.57  ? 3  DI  A C2    1 
ATOM   57  N  N3    . DI  A 1 3 ? 0.844  0.300  4.633   1.00 9.60  ? 3  DI  A N3    1 
ATOM   58  C  C4    . DI  A 1 3 ? -0.299 0.199  5.361   1.00 9.88  ? 3  DI  A C4    1 
ATOM   59  P  P     . DC  A 1 4 ? -1.004 6.679  4.846   1.00 12.58 ? 4  DC  A P     1 
ATOM   60  O  OP1   . DC  A 1 4 ? 0.020  7.750  4.957   1.00 12.89 ? 4  DC  A OP1   1 
ATOM   61  O  OP2   . DC  A 1 4 ? -2.451 6.973  4.846   1.00 12.65 ? 4  DC  A OP2   1 
ATOM   62  O  "O5'" . DC  A 1 4 ? -0.705 5.827  3.534   1.00 11.76 ? 4  DC  A "O5'" 1 
ATOM   63  C  "C5'" . DC  A 1 4 ? 0.626  5.598  3.114   1.00 11.07 ? 4  DC  A "C5'" 1 
ATOM   64  C  "C4'" . DC  A 1 4 ? 0.600  4.681  1.935   1.00 10.62 ? 4  DC  A "C4'" 1 
ATOM   65  O  "O4'" . DC  A 1 4 ? 0.137  3.383  2.353   1.00 10.27 ? 4  DC  A "O4'" 1 
ATOM   66  C  "C3'" . DC  A 1 4 ? -0.370 5.149  0.861   1.00 10.35 ? 4  DC  A "C3'" 1 
ATOM   67  O  "O3'" . DC  A 1 4 ? 0.364  5.102  -0.334  1.00 10.60 ? 4  DC  A "O3'" 1 
ATOM   68  C  "C2'" . DC  A 1 4 ? -1.406 4.050  0.835   1.00 10.25 ? 4  DC  A "C2'" 1 
ATOM   69  C  "C1'" . DC  A 1 4 ? -0.616 2.837  1.272   1.00 9.85  ? 4  DC  A "C1'" 1 
ATOM   70  N  N1    . DC  A 1 4 ? -1.421 1.685  1.775   1.00 9.37  ? 4  DC  A N1    1 
ATOM   71  C  C2    . DC  A 1 4 ? -0.886 0.407  1.590   1.00 9.14  ? 4  DC  A C2    1 
ATOM   72  O  O2    . DC  A 1 4 ? 0.175  0.212  0.992   1.00 8.73  ? 4  DC  A O2    1 
ATOM   73  N  N3    . DC  A 1 4 ? -1.574 -0.661 2.089   1.00 9.05  ? 4  DC  A N3    1 
ATOM   74  C  C4    . DC  A 1 4 ? -2.744 -0.485 2.728   1.00 9.14  ? 4  DC  A C4    1 
ATOM   75  N  N4    . DC  A 1 4 ? -3.367 -1.565 3.207   1.00 8.78  ? 4  DC  A N4    1 
ATOM   76  C  C5    . DC  A 1 4 ? -3.290 0.833  2.947   1.00 9.01  ? 4  DC  A C5    1 
ATOM   77  C  C6    . DC  A 1 4 ? -2.557 1.877  2.514   1.00 9.04  ? 4  DC  A C6    1 
ATOM   78  P  P     . DI  A 1 5 ? 0.783  6.462  -1.062  1.00 10.67 ? 5  DI  A P     1 
ATOM   79  O  OP1   . DI  A 1 5 ? 1.497  7.324  -0.086  1.00 11.00 ? 5  DI  A OP1   1 
ATOM   80  O  OP2   . DI  A 1 5 ? -0.387 6.995  -1.801  1.00 10.73 ? 5  DI  A OP2   1 
ATOM   81  O  "O5'" . DI  A 1 5 ? 1.810  5.937  -2.161  1.00 10.19 ? 5  DI  A "O5'" 1 
ATOM   82  C  "C5'" . DI  A 1 5 ? 3.072  5.360  -1.821  1.00 9.74  ? 5  DI  A "C5'" 1 
ATOM   83  C  "C4'" . DI  A 1 5 ? 3.377  4.135  -2.659  1.00 9.49  ? 5  DI  A "C4'" 1 
ATOM   84  O  "O4'" . DI  A 1 5 ? 2.487  3.078  -2.300  1.00 9.33  ? 5  DI  A "O4'" 1 
ATOM   85  C  "C3'" . DI  A 1 5 ? 3.202  4.370  -4.155  1.00 9.36  ? 5  DI  A "C3'" 1 
ATOM   86  O  "O3'" . DI  A 1 5 ? 4.338  3.820  -4.798  1.00 9.28  ? 5  DI  A "O3'" 1 
ATOM   87  C  "C2'" . DI  A 1 5 ? 1.912  3.647  -4.496  1.00 9.21  ? 5  DI  A "C2'" 1 
ATOM   88  C  "C1'" . DI  A 1 5 ? 1.780  2.547  -3.441  1.00 9.05  ? 5  DI  A "C1'" 1 
ATOM   89  N  N9    . DI  A 1 5 ? 0.353  2.341  -3.061  1.00 8.77  ? 5  DI  A N9    1 
ATOM   90  C  C8    . DI  A 1 5 ? -0.610 3.305  -2.883  1.00 8.63  ? 5  DI  A C8    1 
ATOM   91  N  N7    . DI  A 1 5 ? -1.703 2.871  -2.345  1.00 8.62  ? 5  DI  A N7    1 
ATOM   92  C  C5    . DI  A 1 5 ? -1.459 1.515  -2.145  1.00 8.56  ? 5  DI  A C5    1 
ATOM   93  C  C6    . DI  A 1 5 ? -2.321 0.523  -1.608  1.00 8.60  ? 5  DI  A C6    1 
ATOM   94  O  O6    . DI  A 1 5 ? -3.421 0.693  -1.085  1.00 8.58  ? 5  DI  A O6    1 
ATOM   95  N  N1    . DI  A 1 5 ? -1.769 -0.761 -1.691  1.00 8.56  ? 5  DI  A N1    1 
ATOM   96  C  C2    . DI  A 1 5 ? -0.548 -1.048 -2.259  1.00 8.40  ? 5  DI  A C2    1 
ATOM   97  N  N3    . DI  A 1 5 ? 0.281  -0.099 -2.733  1.00 8.48  ? 5  DI  A N3    1 
ATOM   98  C  C4    . DI  A 1 5 ? -0.221 1.164  -2.609  1.00 8.59  ? 5  DI  A C4    1 
ATOM   99  P  P     . DC  A 1 6 ? 4.545  3.974  -6.365  1.00 9.51  ? 6  DC  A P     1 
ATOM   100 O  OP1   . DC  A 1 6 ? 6.005  3.796  -6.476  1.00 9.64  ? 6  DC  A OP1   1 
ATOM   101 O  OP2   . DC  A 1 6 ? 3.879  5.124  -7.008  1.00 9.59  ? 6  DC  A OP2   1 
ATOM   102 O  "O5'" . DC  A 1 6 ? 3.836  2.628  -6.917  1.00 9.39  ? 6  DC  A "O5'" 1 
ATOM   103 C  "C5'" . DC  A 1 6 ? 4.339  1.347  -6.543  1.00 9.17  ? 6  DC  A "C5'" 1 
ATOM   104 C  "C4'" . DC  A 1 6 ? 3.305  0.298  -6.876  1.00 8.99  ? 6  DC  A "C4'" 1 
ATOM   105 O  "O4'" . DC  A 1 6 ? 2.107  0.579  -6.189  1.00 8.63  ? 6  DC  A "O4'" 1 
ATOM   106 C  "C3'" . DC  A 1 6 ? 2.982  0.305  -8.337  1.00 9.27  ? 6  DC  A "C3'" 1 
ATOM   107 O  "O3'" . DC  A 1 6 ? 3.654  -0.818 -8.898  1.00 10.00 ? 6  DC  A "O3'" 1 
ATOM   108 C  "C2'" . DC  A 1 6 ? 1.466  0.209  -8.361  1.00 9.01  ? 6  DC  A "C2'" 1 
ATOM   109 C  "C1'" . DC  A 1 6 ? 1.076  -0.067 -6.926  1.00 8.59  ? 6  DC  A "C1'" 1 
ATOM   110 N  N1    . DC  A 1 6 ? -0.236 0.485  -6.539  1.00 8.19  ? 6  DC  A N1    1 
ATOM   111 C  C2    . DC  A 1 6 ? -1.158 -0.356 -5.915  1.00 7.95  ? 6  DC  A C2    1 
ATOM   112 O  O2    . DC  A 1 6 ? -0.989 -1.569 -5.802  1.00 7.56  ? 6  DC  A O2    1 
ATOM   113 N  N3    . DC  A 1 6 ? -2.286 0.205  -5.394  1.00 7.77  ? 6  DC  A N3    1 
ATOM   114 C  C4    . DC  A 1 6 ? -2.506 1.532  -5.489  1.00 7.95  ? 6  DC  A C4    1 
ATOM   115 N  N4    . DC  A 1 6 ? -3.633 2.042  -4.975  1.00 7.91  ? 6  DC  A N4    1 
ATOM   116 C  C5    . DC  A 1 6 ? -1.575 2.395  -6.149  1.00 7.82  ? 6  DC  A C5    1 
ATOM   117 C  C6    . DC  A 1 6 ? -0.476 1.819  -6.683  1.00 8.05  ? 6  DC  A C6    1 
ATOM   118 P  P     . DI  A 1 7 ? 3.536  -1.181 -10.463 1.00 11.22 ? 7  DI  A P     1 
ATOM   119 O  OP1   . DI  A 1 7 ? 4.713  -2.075 -10.507 1.00 12.20 ? 7  DI  A OP1   1 
ATOM   120 O  OP2   . DI  A 1 7 ? 3.436  -0.070 -11.427 1.00 12.15 ? 7  DI  A OP2   1 
ATOM   121 O  "O5'" . DI  A 1 7 ? 2.211  -2.058 -10.639 1.00 11.13 ? 7  DI  A "O5'" 1 
ATOM   122 C  "C5'" . DI  A 1 7 ? 2.049  -3.288 -9.935  1.00 10.33 ? 7  DI  A "C5'" 1 
ATOM   123 C  "C4'" . DI  A 1 7 ? 0.595  -3.677 -9.929  1.00 9.97  ? 7  DI  A "C4'" 1 
ATOM   124 O  "O4'" . DI  A 1 7 ? -0.216 -2.671 -9.306  1.00 9.50  ? 7  DI  A "O4'" 1 
ATOM   125 C  "C3'" . DI  A 1 7 ? 0.067  -3.884 -11.335 1.00 10.10 ? 7  DI  A "C3'" 1 
ATOM   126 O  "O3'" . DI  A 1 7 ? -0.419 -5.222 -11.364 1.00 10.66 ? 7  DI  A "O3'" 1 
ATOM   127 C  "C2'" . DI  A 1 7 ? -1.023 -2.836 -11.437 1.00 9.72  ? 7  DI  A "C2'" 1 
ATOM   128 C  "C1'" . DI  A 1 7 ? -1.450 -2.555 -10.012 1.00 9.35  ? 7  DI  A "C1'" 1 
ATOM   129 N  N9    . DI  A 1 7 ? -1.946 -1.190 -9.801  1.00 9.11  ? 7  DI  A N9    1 
ATOM   130 C  C8    . DI  A 1 7 ? -1.371 -0.014 -10.206 1.00 9.12  ? 7  DI  A C8    1 
ATOM   131 N  N7    . DI  A 1 7 ? -2.010 1.049  -9.799  1.00 8.80  ? 7  DI  A N7    1 
ATOM   132 C  C5    . DI  A 1 7 ? -3.084 0.550  -9.066  1.00 8.80  ? 7  DI  A C5    1 
ATOM   133 C  C6    . DI  A 1 7 ? -4.152 1.245  -8.424  1.00 8.78  ? 7  DI  A C6    1 
ATOM   134 O  O6    . DI  A 1 7 ? -4.326 2.465  -8.344  1.00 8.40  ? 7  DI  A O6    1 
ATOM   135 N  N1    . DI  A 1 7 ? -5.019 0.377  -7.789  1.00 8.52  ? 7  DI  A N1    1 
ATOM   136 C  C2    . DI  A 1 7 ? -4.894 -0.987 -7.782  1.00 8.73  ? 7  DI  A C2    1 
ATOM   137 N  N3    . DI  A 1 7 ? -3.920 -1.639 -8.415  1.00 8.72  ? 7  DI  A N3    1 
ATOM   138 C  C4    . DI  A 1 7 ? -3.029 -0.818 -9.014  1.00 8.89  ? 7  DI  A C4    1 
ATOM   139 P  P     . DC  A 1 8 ? -0.991 -5.792 -12.746 1.00 11.44 ? 8  DC  A P     1 
ATOM   140 O  OP1   . DC  A 1 8 ? -0.694 -7.231 -12.529 1.00 11.88 ? 8  DC  A OP1   1 
ATOM   141 O  OP2   . DC  A 1 8 ? -0.637 -5.127 -14.014 1.00 11.72 ? 8  DC  A OP2   1 
ATOM   142 O  "O5'" . DC  A 1 8 ? -2.563 -5.574 -12.576 1.00 10.79 ? 8  DC  A "O5'" 1 
ATOM   143 C  "C5'" . DC  A 1 8 ? -3.325 -6.362 -11.658 1.00 9.99  ? 8  DC  A "C5'" 1 
ATOM   144 C  "C4'" . DC  A 1 8 ? -4.757 -5.881 -11.651 1.00 9.46  ? 8  DC  A "C4'" 1 
ATOM   145 O  "O4'" . DC  A 1 8 ? -4.773 -4.496 -11.225 1.00 9.03  ? 8  DC  A "O4'" 1 
ATOM   146 C  "C3'" . DC  A 1 8 ? -5.356 -5.920 -13.080 1.00 9.23  ? 8  DC  A "C3'" 1 
ATOM   147 O  "O3'" . DC  A 1 8 ? -6.574 -6.689 -13.121 1.00 9.28  ? 8  DC  A "O3'" 1 
ATOM   148 C  "C2'" . DC  A 1 8 ? -5.596 -4.444 -13.381 1.00 8.91  ? 8  DC  A "C2'" 1 
ATOM   149 C  "C1'" . DC  A 1 8 ? -5.775 -3.835 -11.995 1.00 8.58  ? 8  DC  A "C1'" 1 
ATOM   150 N  N1    . DC  A 1 8 ? -5.550 -2.376 -11.961 1.00 8.09  ? 8  DC  A N1    1 
ATOM   151 C  C2    . DC  A 1 8 ? -6.469 -1.590 -11.284 1.00 7.59  ? 8  DC  A C2    1 
ATOM   152 O  O2    . DC  A 1 8 ? -7.469 -2.062 -10.759 1.00 7.53  ? 8  DC  A O2    1 
ATOM   153 N  N3    . DC  A 1 8 ? -6.236 -0.256 -11.176 1.00 7.36  ? 8  DC  A N3    1 
ATOM   154 C  C4    . DC  A 1 8 ? -5.122 0.279  -11.669 1.00 7.47  ? 8  DC  A C4    1 
ATOM   155 N  N4    . DC  A 1 8 ? -4.963 1.605  -11.581 1.00 7.42  ? 8  DC  A N4    1 
ATOM   156 C  C5    . DC  A 1 8 ? -4.127 -0.526 -12.323 1.00 7.61  ? 8  DC  A C5    1 
ATOM   157 C  C6    . DC  A 1 8 ? -4.390 -1.846 -12.444 1.00 7.84  ? 8  DC  A C6    1 
HETATM 158 C  C1    . DMY B 2 . ? -2.292 -6.714 -4.207  1.00 9.07  ? 9  DMY A C1    1 
HETATM 159 O  O1    . DMY B 2 . ? -2.167 -7.757 -4.857  1.00 9.29  ? 9  DMY A O1    1 
HETATM 160 N  N1    . DMY B 2 . ? -1.358 -5.959 -3.584  1.00 8.68  ? 9  DMY A N1    1 
HETATM 161 C  C2    . DMY B 2 . ? -0.011 -6.230 -3.555  1.00 8.39  ? 9  DMY A C2    1 
HETATM 162 C  C3    . DMY B 2 . ? 0.937  -5.461 -2.878  1.00 8.18  ? 9  DMY A C3    1 
HETATM 163 C  C4    . DMY B 2 . ? 2.212  -5.880 -3.265  1.00 8.26  ? 9  DMY A C4    1 
HETATM 164 N  N2    . DMY B 2 . ? 2.038  -6.968 -4.150  1.00 8.43  ? 9  DMY A N2    1 
HETATM 165 C  C5    . DMY B 2 . ? 0.739  -7.160 -4.300  1.00 8.48  ? 9  DMY A C5    1 
HETATM 166 C  C6    . DMY B 2 . ? 3.128  -7.881 -4.687  1.00 8.45  ? 9  DMY A C6    1 
HETATM 167 C  C7    . DMY B 2 . ? 3.431  -5.308 -2.828  1.00 8.20  ? 9  DMY A C7    1 
HETATM 168 O  O2    . DMY B 2 . ? 4.519  -5.629 -3.318  1.00 8.22  ? 9  DMY A O2    1 
HETATM 169 N  N3    . DMY B 2 . ? 3.455  -4.465 -1.771  1.00 8.05  ? 9  DMY A N3    1 
HETATM 170 C  C8    . DMY B 2 . ? 4.537  -3.747 -1.328  1.00 7.88  ? 9  DMY A C8    1 
HETATM 171 C  C9    . DMY B 2 . ? 4.564  -2.985 -0.166  1.00 7.75  ? 9  DMY A C9    1 
HETATM 172 C  C10   . DMY B 2 . ? 5.787  -2.304 -0.096  1.00 7.84  ? 9  DMY A C10   1 
HETATM 173 N  N4    . DMY B 2 . ? 6.531  -2.705 -1.209  1.00 7.76  ? 9  DMY A N4    1 
HETATM 174 C  C11   . DMY B 2 . ? 5.779  -3.507 -1.932  1.00 7.97  ? 9  DMY A C11   1 
HETATM 175 C  C12   . DMY B 2 . ? 7.962  -2.303 -1.569  1.00 8.19  ? 9  DMY A C12   1 
HETATM 176 C  C13   . DMY B 2 . ? 6.088  -1.295 0.848   1.00 7.85  ? 9  DMY A C13   1 
HETATM 177 O  O3    . DMY B 2 . ? 7.075  -0.562 0.753   1.00 7.92  ? 9  DMY A O3    1 
HETATM 178 N  N5    . DMY B 2 . ? 5.379  -1.216 1.975   1.00 7.95  ? 9  DMY A N5    1 
HETATM 179 C  C14   . DMY B 2 . ? 5.552  -0.315 2.986   1.00 8.16  ? 9  DMY A C14   1 
HETATM 180 C  C15   . DMY B 2 . ? 4.909  -0.367 4.215   1.00 8.38  ? 9  DMY A C15   1 
HETATM 181 C  C16   . DMY B 2 . ? 5.166  0.841  4.889   1.00 8.72  ? 9  DMY A C16   1 
HETATM 182 N  N6    . DMY B 2 . ? 6.142  1.531  4.145   1.00 8.81  ? 9  DMY A N6    1 
HETATM 183 C  C17   . DMY B 2 . ? 6.296  0.881  3.012   1.00 8.52  ? 9  DMY A C17   1 
HETATM 184 C  C18   . DMY B 2 . ? 6.748  2.905  4.471   1.00 8.80  ? 9  DMY A C18   1 
HETATM 185 C  C19   . DMY B 2 . ? 4.645  1.199  6.166   1.00 8.88  ? 9  DMY A C19   1 
HETATM 186 O  O4    . DMY B 2 . ? 4.722  2.351  6.647   1.00 8.99  ? 9  DMY A O4    1 
HETATM 187 N  N7    . DMY B 2 . ? 4.131  0.263  6.976   1.00 8.60  ? 9  DMY A N7    1 
HETATM 188 C  C20   . DMY B 2 . ? 3.600  0.541  8.293   1.00 8.68  ? 9  DMY A C20   1 
HETATM 189 C  C21   . DMY B 2 . ? 2.174  1.035  8.271   1.00 8.49  ? 9  DMY A C21   1 
HETATM 190 C  C22   . DMY B 2 . ? 1.732  1.311  9.688   1.00 8.64  ? 9  DMY A C22   1 
HETATM 191 N  N8    . DMY B 2 . ? 2.131  2.443  10.255  1.00 8.43  ? 9  DMY A N8    1 
HETATM 192 N  N9    . DMY B 2 . ? 1.108  0.370  10.393  1.00 8.52  ? 9  DMY A N9    1 
HETATM 193 MG MG    . MG  C 3 . ? 2.584  6.372  -7.714  1.00 9.22  ? 10 MG  A MG    1 
HETATM 194 O  O     . HOH D 4 . ? 3.986  7.862  -7.597  1.00 7.95  ? 11 HOH A O     1 
HETATM 195 O  O     . HOH D 4 . ? 3.515  7.344  1.684   1.00 16.99 ? 12 HOH A O     1 
HETATM 196 O  O     . HOH D 4 . ? 0.432  -9.398 11.499  1.00 10.06 ? 13 HOH A O     1 
HETATM 197 O  O     . HOH D 4 . ? 0.926  -0.379 13.186  1.00 10.77 ? 14 HOH A O     1 
HETATM 198 O  O     . HOH D 4 . ? -0.795 6.535  -4.503  1.00 14.01 ? 15 HOH A O     1 
HETATM 199 O  O     . HOH D 4 . ? 3.410  -9.105 11.085  1.00 9.15  ? 16 HOH A O     1 
HETATM 200 O  O     . HOH D 4 . ? -1.576 -8.334 15.814  1.00 17.38 ? 17 HOH A O     1 
HETATM 201 O  O     . HOH D 4 . ? 0.400  9.348  1.398   1.00 20.28 ? 18 HOH A O     1 
HETATM 202 O  O     . HOH D 4 . ? 3.216  5.828  -9.551  1.00 8.85  ? 19 HOH A O     1 
HETATM 203 O  O     . HOH D 4 . ? 0.952  5.080  -7.835  1.00 10.93 ? 20 HOH A O     1 
HETATM 204 O  O     . HOH D 4 . ? -3.799 7.855  -5.319  1.00 11.10 ? 21 HOH A O     1 
HETATM 205 O  O     . HOH D 4 . ? 5.271  5.268  1.534   1.00 30.42 ? 22 HOH A O     1 
HETATM 206 O  O     . HOH D 4 . ? 1.604  1.998  -11.428 1.00 37.39 ? 23 HOH A O     1 
HETATM 207 O  O     . HOH D 4 . ? 0.254  3.366  -9.719  1.00 22.47 ? 24 HOH A O     1 
HETATM 208 O  O     . HOH D 4 . ? -3.313 4.589  -9.511  1.00 21.00 ? 25 HOH A O     1 
HETATM 209 O  O     . HOH D 4 . ? -2.820 7.596  -1.441  1.00 38.08 ? 26 HOH A O     1 
HETATM 210 O  O     . HOH D 4 . ? -5.514 2.099  5.757   1.00 49.44 ? 27 HOH A O     1 
HETATM 211 O  O     . HOH D 4 . ? 7.788  4.795  -4.840  1.00 26.43 ? 28 HOH A O     1 
HETATM 212 O  O     . HOH D 4 . ? -3.483 4.204  14.060  1.00 52.28 ? 29 HOH A O     1 
HETATM 213 O  O     . HOH D 4 . ? 0.263  -0.057 -13.545 1.00 51.58 ? 30 HOH A O     1 
HETATM 214 O  O     . HOH D 4 . ? 2.339  6.759  6.616   1.00 53.20 ? 31 HOH A O     1 
HETATM 215 O  O     . HOH D 4 . ? 7.296  2.044  -8.682  1.00 48.20 ? 32 HOH A O     1 
HETATM 216 O  O     . HOH D 4 . ? 3.185  4.307  5.195   1.00 21.70 ? 33 HOH A O     1 
HETATM 217 O  O     . HOH D 4 . ? 7.399  4.493  0.256   1.00 35.09 ? 34 HOH A O     1 
HETATM 218 O  O     . HOH D 4 . ? 6.823  -1.615 -8.294  1.00 47.09 ? 35 HOH A O     1 
HETATM 219 O  O     . HOH D 4 . ? 2.105  -5.104 -14.356 1.00 57.97 ? 36 HOH A O     1 
HETATM 220 O  O     . HOH D 4 . ? -1.709 -2.919 -14.789 1.00 27.72 ? 37 HOH A O     1 
HETATM 221 O  O     . HOH D 4 . ? -4.984 2.611  -0.232  1.00 39.50 ? 38 HOH A O     1 
HETATM 222 O  O     . HOH D 4 . ? -5.740 -1.077 4.821   1.00 29.25 ? 39 HOH A O     1 
HETATM 223 O  O     . HOH D 4 . ? -5.177 8.531  -2.564  1.00 25.02 ? 40 HOH A O     1 
HETATM 224 O  O     . HOH D 4 . ? -6.098 6.066  5.373   1.00 66.47 ? 41 HOH A O     1 
HETATM 225 O  O     . HOH D 4 . ? 7.461  -8.838 -4.162  1.00 54.28 ? 42 HOH A O     1 
HETATM 226 O  O     . HOH D 4 . ? -3.717 -3.285 6.600   1.00 48.17 ? 43 HOH A O     1 
HETATM 227 O  O     . HOH D 4 . ? 3.513  3.349  -9.928  1.00 65.55 ? 44 HOH A O     1 
HETATM 228 O  O     . HOH D 4 . ? 9.225  0.490  -9.367  1.00 50.82 ? 45 HOH A O     1 
HETATM 229 O  O     . HOH D 4 . ? -4.714 6.676  8.148   1.00 70.76 ? 46 HOH A O     1 
HETATM 230 O  O     . HOH D 4 . ? 6.552  -7.819 -7.223  1.00 69.98 ? 47 HOH A O     1 
HETATM 231 O  O     . HOH D 4 . ? 11.468 0.545  -8.071  1.00 60.67 ? 48 HOH A O     1 
HETATM 232 O  O     . HOH D 4 . ? 3.670  4.171  8.451   1.00 28.11 ? 49 HOH A O     1 
HETATM 233 O  O     . HOH D 4 . ? -4.211 5.669  0.003   1.00 58.10 ? 50 HOH A O     1 
HETATM 234 O  O     . HOH D 4 . ? -1.687 5.979  -7.377  1.00 33.56 ? 51 HOH A O     1 
HETATM 235 O  O     . HOH D 4 . ? 6.808  4.786  7.834   1.00 27.86 ? 52 HOH A O     1 
HETATM 236 O  O     . HOH D 4 . ? 2.987  -7.341 -8.735  1.00 47.95 ? 53 HOH A O     1 
HETATM 237 O  O     . HOH D 4 . ? 1.075  -8.722 -10.487 1.00 47.49 ? 54 HOH A O     1 
HETATM 238 O  O     . HOH D 4 . ? -0.336 -6.562 -16.591 1.00 51.36 ? 55 HOH A O     1 
HETATM 239 O  O     . HOH D 4 . ? -6.966 4.981  8.019   1.00 64.69 ? 56 HOH A O     1 
HETATM 240 O  O     . HOH D 4 . ? -4.257 4.746  3.296   1.00 80.54 ? 57 HOH A O     1 
HETATM 241 O  O     . HOH D 4 . ? 1.474  9.707  5.605   1.00 60.92 ? 58 HOH A O     1 
HETATM 242 O  O     . HOH D 4 . ? 5.254  8.995  4.213   1.00 77.93 ? 59 HOH A O     1 
HETATM 243 O  O     . HOH D 4 . ? -6.844 2.957  11.764  1.00 91.27 ? 60 HOH A O     1 
HETATM 244 O  O     . HOH D 4 . ? 5.550  1.143  -13.679 1.00 75.79 ? 61 HOH A O     1 
HETATM 245 O  O     . HOH D 4 . ? -2.199 2.402  -12.704 1.00 28.51 ? 62 HOH A O     1 
HETATM 246 O  O     . HOH D 4 . ? -6.188 -0.850 17.694  1.00 60.39 ? 63 HOH A O     1 
HETATM 247 O  O     . HOH D 4 . ? -6.311 2.281  14.848  1.00 75.72 ? 64 HOH A O     1 
HETATM 248 O  O     . HOH D 4 . ? -6.986 -1.796 11.045  1.00 84.80 ? 65 HOH A O     1 
HETATM 249 O  O     . HOH D 4 . ? -1.013 5.468  -12.230 1.00 54.60 ? 66 HOH A O     1 
HETATM 250 O  O     . HOH D 4 . ? 6.946  -6.382 -4.086  1.00 59.53 ? 67 HOH A O     1 
HETATM 251 O  O     . HOH D 4 . ? 1.705  3.713  -14.175 1.00 63.14 ? 68 HOH A O     1 
HETATM 252 O  O     . HOH D 4 . ? -7.617 -4.466 11.949  1.00 65.65 ? 69 HOH A O     1 
HETATM 253 O  O     . HOH D 4 . ? -3.423 8.330  1.554   1.00 73.89 ? 70 HOH A O     1 
HETATM 254 O  O     . HOH D 4 . ? 10.826 -1.293 -10.250 1.00 74.78 ? 71 HOH A O     1 
HETATM 255 O  O     . HOH D 4 . ? 6.833  6.362  4.244   1.00 58.61 ? 72 HOH A O     1 
HETATM 256 O  O     . HOH D 4 . ? -6.963 -0.596 8.525   1.00 66.66 ? 73 HOH A O     1 
HETATM 257 O  O     . HOH D 4 . ? 6.032  1.245  -10.855 1.00 67.10 ? 74 HOH A O     1 
HETATM 258 O  O     . HOH D 4 . ? 9.614  5.170  3.179   1.00 63.70 ? 75 HOH A O     1 
# 
